data_8DUT
#
_entry.id   8DUT
#
_cell.length_a   1.00
_cell.length_b   1.00
_cell.length_c   1.00
_cell.angle_alpha   90.00
_cell.angle_beta   90.00
_cell.angle_gamma   90.00
#
_symmetry.space_group_name_H-M   'P 1'
#
loop_
_entity.id
_entity.type
_entity.pdbx_description
1 polymer 'Duplex-G-quadruplex-duplex (46-MER)'
2 polymer 'Duplex-G-quadruplex-duplex (46-MER)'
#
loop_
_entity_poly.entity_id
_entity_poly.type
_entity_poly.pdbx_seq_one_letter_code
_entity_poly.pdbx_strand_id
1 'polydeoxyribonucleotide'
;(DG)(DC)(DG)(DT)(DG)(DC)(DC)(DG)(DC)(DA)(DT)(DT)(DA)(DA)(DT)(DT)(DT)(DT)(DT)(DT)
(DT)(DT)(DT)(DT)(DT)(DT)(DT)(DT)(DT)(DT)(DT)(DT)(DT)(DT)(DT)(DT)(DG)(DT)(DA)(DT)
(DA)(DC)(DA)(DT)(DA)(DG)
;
A
2 'polydeoxyribonucleotide'
;(DC)(DT)(DA)(DT)(DG)(DT)(DA)(DT)(DA)(DC)(DA)(DA)(DA)(DG)(DA)(DG)(DG)(DG)(DT)(DG)
(DG)(DG)(DT)(DA)(DG)(DG)(DG)(DT)(DG)(DG)(DG)(DT)(DT)(DT)(DA)(DA)(DT)(DG)(DC)(DG)
(DG)(DC)(DA)(DC)(DG)(DC)
;
B
#